data_1RPV
#
_entry.id   1RPV
#
_cell.length_a   1.000
_cell.length_b   1.000
_cell.length_c   1.000
_cell.angle_alpha   90.00
_cell.angle_beta   90.00
_cell.angle_gamma   90.00
#
_symmetry.space_group_name_H-M   'P 1'
#
_entity_poly.entity_id   1
_entity_poly.type   'polypeptide(L)'
_entity_poly.pdbx_seq_one_letter_code
;(SIN)TRQARRNRARRWRARQR(NH2)
;
_entity_poly.pdbx_strand_id   A
#
# COMPACT_ATOMS: atom_id res chain seq x y z
N THR A 2 -1.04 11.73 4.50
CA THR A 2 -0.15 12.07 3.36
C THR A 2 1.29 11.63 3.65
N ARG A 3 1.73 11.94 4.85
CA ARG A 3 3.12 11.58 5.28
C ARG A 3 3.29 10.06 5.45
N GLN A 4 2.18 9.35 5.38
CA GLN A 4 2.20 7.87 5.53
C GLN A 4 1.39 7.24 4.36
N ALA A 5 1.26 8.02 3.31
CA ALA A 5 0.50 7.55 2.10
C ALA A 5 1.18 6.30 1.52
N ARG A 6 2.49 6.30 1.59
CA ARG A 6 3.31 5.16 1.08
C ARG A 6 2.99 3.87 1.85
N ARG A 7 2.53 4.04 3.07
CA ARG A 7 2.18 2.88 3.95
C ARG A 7 0.90 2.27 3.38
N ASN A 8 0.06 3.15 2.89
CA ASN A 8 -1.24 2.73 2.29
C ASN A 8 -0.97 2.06 0.94
N ARG A 9 0.03 2.58 0.24
CA ARG A 9 0.40 2.03 -1.09
C ARG A 9 0.97 0.63 -0.89
N ALA A 10 1.66 0.46 0.21
CA ALA A 10 2.27 -0.86 0.54
C ALA A 10 1.12 -1.81 0.91
N ARG A 11 0.09 -1.20 1.45
CA ARG A 11 -1.14 -1.95 1.86
C ARG A 11 -1.90 -2.37 0.60
N ARG A 12 -1.75 -1.56 -0.42
CA ARG A 12 -2.41 -1.84 -1.73
C ARG A 12 -1.62 -2.95 -2.41
N TRP A 13 -0.32 -2.91 -2.20
CA TRP A 13 0.59 -3.94 -2.79
C TRP A 13 0.31 -5.26 -2.06
N ARG A 14 -0.08 -5.12 -0.82
CA ARG A 14 -0.40 -6.32 0.03
C ARG A 14 -1.75 -6.85 -0.47
N ALA A 15 -2.59 -5.93 -0.86
CA ALA A 15 -3.94 -6.28 -1.38
C ALA A 15 -3.77 -6.87 -2.80
N ARG A 16 -2.61 -6.62 -3.34
CA ARG A 16 -2.21 -7.10 -4.70
C ARG A 16 -1.34 -8.36 -4.53
N GLN A 17 -0.88 -8.56 -3.32
CA GLN A 17 -0.03 -9.73 -2.97
C GLN A 17 -0.58 -10.34 -1.67
N ARG A 18 -1.76 -10.91 -1.79
CA ARG A 18 -2.42 -11.55 -0.61
C ARG A 18 -1.73 -12.88 -0.26
N THR A 2 -0.75 8.26 -3.50
CA THR A 2 -0.25 7.08 -2.72
C THR A 2 1.28 7.14 -2.52
N ARG A 3 1.91 8.05 -3.22
CA ARG A 3 3.40 8.22 -3.12
C ARG A 3 3.70 8.68 -1.69
N GLN A 4 2.99 9.70 -1.28
CA GLN A 4 3.16 10.28 0.08
C GLN A 4 2.56 9.28 1.08
N ALA A 5 1.51 8.64 0.65
CA ALA A 5 0.80 7.62 1.48
C ALA A 5 1.46 6.26 1.17
N ARG A 6 2.75 6.23 1.39
CA ARG A 6 3.56 4.99 1.13
C ARG A 6 3.03 3.79 1.93
N ARG A 7 2.44 4.08 3.06
CA ARG A 7 1.87 3.02 3.94
C ARG A 7 0.64 2.52 3.22
N ASN A 8 -0.07 3.47 2.65
CA ASN A 8 -1.31 3.16 1.89
C ASN A 8 -0.93 2.45 0.58
N ARG A 9 0.31 2.63 0.22
CA ARG A 9 0.89 2.02 -1.01
C ARG A 9 1.42 0.61 -0.69
N ALA A 10 1.66 0.38 0.57
CA ALA A 10 2.19 -0.94 1.03
C ALA A 10 1.02 -1.90 1.26
N ARG A 11 -0.06 -1.38 1.79
CA ARG A 11 -1.25 -2.23 2.07
C ARG A 11 -1.99 -2.54 0.75
N ARG A 12 -1.97 -1.61 -0.17
CA ARG A 12 -2.69 -1.87 -1.47
C ARG A 12 -1.84 -2.87 -2.27
N TRP A 13 -0.54 -2.78 -2.09
CA TRP A 13 0.40 -3.69 -2.80
C TRP A 13 0.22 -5.08 -2.19
N ARG A 14 0.08 -5.10 -0.89
CA ARG A 14 -0.09 -6.37 -0.14
C ARG A 14 -1.39 -7.03 -0.61
N ALA A 15 -2.39 -6.19 -0.81
CA ALA A 15 -3.72 -6.67 -1.29
C ALA A 15 -3.57 -7.22 -2.71
N ARG A 16 -2.73 -6.56 -3.47
CA ARG A 16 -2.47 -6.97 -4.89
C ARG A 16 -1.72 -8.31 -4.88
N GLN A 17 -0.95 -8.49 -3.84
CA GLN A 17 -0.15 -9.74 -3.65
C GLN A 17 -1.00 -10.79 -2.91
N ARG A 18 -2.12 -10.33 -2.38
CA ARG A 18 -3.07 -11.20 -1.61
C ARG A 18 -2.39 -11.89 -0.42
N THR A 2 -0.03 9.58 -2.90
CA THR A 2 0.87 8.48 -2.43
C THR A 2 2.04 9.06 -1.62
N ARG A 3 2.43 10.26 -1.99
CA ARG A 3 3.56 10.96 -1.31
C ARG A 3 3.35 11.01 0.22
N GLN A 4 2.11 11.16 0.59
CA GLN A 4 1.73 11.23 2.04
C GLN A 4 1.21 9.84 2.49
N ALA A 5 0.57 9.16 1.57
CA ALA A 5 0.00 7.80 1.85
C ALA A 5 1.00 6.72 1.39
N ARG A 6 2.21 6.88 1.87
CA ARG A 6 3.31 5.92 1.53
C ARG A 6 3.08 4.54 2.17
N ARG A 7 2.59 4.56 3.38
CA ARG A 7 2.31 3.29 4.13
C ARG A 7 1.08 2.64 3.49
N ASN A 8 0.18 3.48 3.07
CA ASN A 8 -1.07 3.01 2.42
C ASN A 8 -0.70 2.30 1.11
N ARG A 9 0.32 2.81 0.47
CA ARG A 9 0.80 2.22 -0.83
C ARG A 9 1.16 0.75 -0.62
N ALA A 10 1.77 0.48 0.52
CA ALA A 10 2.17 -0.91 0.86
C ALA A 10 0.95 -1.82 0.96
N ARG A 11 -0.11 -1.27 1.50
CA ARG A 11 -1.36 -2.04 1.64
C ARG A 11 -1.96 -2.41 0.28
N ARG A 12 -1.62 -1.62 -0.72
CA ARG A 12 -2.15 -1.88 -2.10
C ARG A 12 -1.47 -3.11 -2.68
N TRP A 13 -0.16 -3.15 -2.56
CA TRP A 13 0.59 -4.33 -3.11
C TRP A 13 0.19 -5.57 -2.30
N ARG A 14 0.02 -5.36 -1.02
CA ARG A 14 -0.37 -6.46 -0.09
C ARG A 14 -1.72 -7.06 -0.50
N ALA A 15 -2.60 -6.19 -0.97
CA ALA A 15 -3.95 -6.63 -1.41
C ALA A 15 -3.81 -7.41 -2.73
N ARG A 16 -2.99 -6.87 -3.59
CA ARG A 16 -2.73 -7.48 -4.93
C ARG A 16 -1.85 -8.74 -4.83
N GLN A 17 -1.17 -8.89 -3.72
CA GLN A 17 -0.28 -10.07 -3.52
C GLN A 17 -1.13 -11.35 -3.42
N ARG A 18 -2.32 -11.18 -2.87
CA ARG A 18 -3.26 -12.33 -2.70
C ARG A 18 -3.93 -12.62 -4.06
N THR A 2 -0.65 10.17 6.40
CA THR A 2 0.46 9.20 6.75
C THR A 2 -0.10 7.84 7.19
N ARG A 3 -1.18 7.91 7.93
CA ARG A 3 -1.85 6.68 8.45
C ARG A 3 -2.18 5.73 7.27
N GLN A 4 -2.32 6.34 6.12
CA GLN A 4 -2.64 5.55 4.89
C GLN A 4 -2.24 6.30 3.60
N ALA A 5 -0.96 6.52 3.46
CA ALA A 5 -0.41 7.22 2.25
C ALA A 5 0.77 6.37 1.80
N ARG A 6 1.89 6.55 2.44
CA ARG A 6 3.10 5.76 2.08
C ARG A 6 2.85 4.32 2.57
N ARG A 7 2.02 4.25 3.59
CA ARG A 7 1.64 2.95 4.21
C ARG A 7 0.55 2.32 3.34
N ASN A 8 -0.31 3.16 2.82
CA ASN A 8 -1.42 2.67 1.95
C ASN A 8 -0.85 2.07 0.67
N ARG A 9 0.19 2.71 0.16
CA ARG A 9 0.85 2.23 -1.09
C ARG A 9 1.40 0.80 -0.90
N ALA A 10 2.01 0.60 0.25
CA ALA A 10 2.58 -0.74 0.57
C ALA A 10 1.43 -1.74 0.75
N ARG A 11 0.37 -1.25 1.36
CA ARG A 11 -0.82 -2.09 1.61
C ARG A 11 -1.54 -2.38 0.29
N ARG A 12 -1.28 -1.54 -0.69
CA ARG A 12 -1.92 -1.71 -2.04
C ARG A 12 -1.31 -2.95 -2.70
N TRP A 13 0.00 -3.05 -2.60
CA TRP A 13 0.70 -4.22 -3.20
C TRP A 13 0.30 -5.47 -2.44
N ARG A 14 0.28 -5.36 -1.14
CA ARG A 14 -0.10 -6.53 -0.27
C ARG A 14 -1.59 -6.87 -0.46
N ALA A 15 -2.36 -5.91 -0.91
CA ALA A 15 -3.81 -6.16 -1.12
C ALA A 15 -4.00 -7.02 -2.37
N ARG A 16 -3.12 -6.83 -3.31
CA ARG A 16 -3.16 -7.59 -4.60
C ARG A 16 -2.27 -8.84 -4.52
N GLN A 17 -1.35 -8.84 -3.59
CA GLN A 17 -0.41 -9.98 -3.40
C GLN A 17 -0.92 -10.86 -2.25
N ARG A 18 -0.89 -10.29 -1.07
CA ARG A 18 -1.37 -11.02 0.15
C ARG A 18 -2.90 -11.07 0.17
N THR A 2 2.24 12.19 -0.06
CA THR A 2 2.89 10.91 -0.47
C THR A 2 3.47 10.16 0.74
N ARG A 3 3.89 10.93 1.73
CA ARG A 3 4.47 10.34 2.98
C ARG A 3 3.49 9.39 3.69
N GLN A 4 2.22 9.63 3.46
CA GLN A 4 1.14 8.82 4.08
C GLN A 4 0.58 7.84 3.02
N ALA A 5 0.56 8.30 1.79
CA ALA A 5 0.06 7.46 0.66
C ALA A 5 0.95 6.24 0.45
N ARG A 6 2.20 6.37 0.80
CA ARG A 6 3.17 5.25 0.65
C ARG A 6 2.87 4.13 1.65
N ARG A 7 2.13 4.46 2.67
CA ARG A 7 1.74 3.47 3.73
C ARG A 7 0.61 2.63 3.15
N ASN A 8 -0.27 3.33 2.47
CA ASN A 8 -1.44 2.65 1.82
C ASN A 8 -0.94 1.86 0.62
N ARG A 9 0.12 2.36 0.02
CA ARG A 9 0.70 1.65 -1.16
C ARG A 9 1.36 0.39 -0.57
N ALA A 10 1.86 0.54 0.63
CA ALA A 10 2.52 -0.59 1.33
C ALA A 10 1.48 -1.46 2.05
N ARG A 11 0.25 -1.29 1.64
CA ARG A 11 -0.89 -2.06 2.21
C ARG A 11 -1.78 -2.49 1.03
N ARG A 12 -1.57 -1.82 -0.08
CA ARG A 12 -2.34 -2.10 -1.33
C ARG A 12 -1.50 -3.13 -2.09
N TRP A 13 -0.20 -3.04 -1.92
CA TRP A 13 0.73 -3.98 -2.61
C TRP A 13 0.45 -5.44 -2.24
N ARG A 14 0.05 -5.62 -1.00
CA ARG A 14 -0.25 -6.99 -0.51
C ARG A 14 -1.69 -7.34 -0.91
N ALA A 15 -2.51 -6.33 -0.95
CA ALA A 15 -3.94 -6.52 -1.34
C ALA A 15 -4.01 -6.88 -2.84
N ARG A 16 -3.01 -6.42 -3.55
CA ARG A 16 -2.90 -6.67 -5.03
C ARG A 16 -1.84 -7.76 -5.28
N GLN A 17 -1.09 -8.06 -4.25
CA GLN A 17 0.00 -9.09 -4.31
C GLN A 17 0.86 -9.01 -5.59
N ARG A 18 0.90 -7.81 -6.13
CA ARG A 18 1.68 -7.54 -7.38
C ARG A 18 1.72 -6.02 -7.60
N THR A 2 0.64 12.49 2.34
CA THR A 2 1.65 11.81 1.46
C THR A 2 2.72 11.11 2.30
N ARG A 3 3.02 11.74 3.41
CA ARG A 3 4.05 11.19 4.36
C ARG A 3 3.64 9.82 4.89
N GLN A 4 2.36 9.56 4.87
CA GLN A 4 1.79 8.26 5.35
C GLN A 4 1.16 7.47 4.19
N ALA A 5 1.12 8.10 3.03
CA ALA A 5 0.52 7.44 1.83
C ALA A 5 1.34 6.21 1.40
N ARG A 6 2.58 6.17 1.80
CA ARG A 6 3.47 5.02 1.45
C ARG A 6 2.97 3.74 2.15
N ARG A 7 2.32 3.93 3.27
CA ARG A 7 1.80 2.77 4.06
C ARG A 7 0.56 2.26 3.33
N ASN A 8 -0.20 3.18 2.80
CA ASN A 8 -1.43 2.79 2.06
C ASN A 8 -1.02 2.16 0.72
N ARG A 9 0.07 2.65 0.19
CA ARG A 9 0.61 2.13 -1.10
C ARG A 9 1.17 0.72 -0.86
N ALA A 10 1.66 0.51 0.34
CA ALA A 10 2.23 -0.82 0.68
C ALA A 10 1.06 -1.76 0.93
N ARG A 11 0.03 -1.22 1.51
CA ARG A 11 -1.20 -2.03 1.79
C ARG A 11 -1.85 -2.32 0.43
N ARG A 12 -1.53 -1.50 -0.53
CA ARG A 12 -2.09 -1.65 -1.89
C ARG A 12 -1.42 -2.85 -2.56
N TRP A 13 -0.11 -2.87 -2.57
CA TRP A 13 0.59 -4.02 -3.20
C TRP A 13 0.43 -5.28 -2.34
N ARG A 14 0.16 -5.08 -1.06
CA ARG A 14 -0.03 -6.24 -0.14
C ARG A 14 -1.40 -6.84 -0.45
N ALA A 15 -2.34 -5.97 -0.68
CA ALA A 15 -3.74 -6.40 -0.99
C ALA A 15 -3.73 -7.00 -2.40
N ARG A 16 -2.78 -6.56 -3.19
CA ARG A 16 -2.61 -7.05 -4.59
C ARG A 16 -1.90 -8.42 -4.54
N GLN A 17 -1.06 -8.56 -3.54
CA GLN A 17 -0.28 -9.82 -3.34
C GLN A 17 -0.62 -10.34 -1.94
N ARG A 18 -1.84 -10.79 -1.79
CA ARG A 18 -2.33 -11.34 -0.49
C ARG A 18 -1.50 -12.54 -0.05
N THR A 2 5.03 8.73 7.10
CA THR A 2 5.42 7.73 6.05
C THR A 2 4.76 6.38 6.34
N ARG A 3 4.64 6.07 7.61
CA ARG A 3 4.02 4.78 8.04
C ARG A 3 2.49 4.78 7.85
N GLN A 4 2.01 5.79 7.16
CA GLN A 4 0.55 5.94 6.89
C GLN A 4 0.36 6.14 5.38
N ALA A 5 1.03 7.14 4.86
CA ALA A 5 0.96 7.47 3.41
C ALA A 5 1.66 6.41 2.56
N ARG A 6 2.94 6.26 2.77
CA ARG A 6 3.73 5.26 2.00
C ARG A 6 3.37 3.83 2.43
N ARG A 7 2.56 3.76 3.47
CA ARG A 7 2.10 2.45 4.01
C ARG A 7 0.77 2.11 3.31
N ASN A 8 0.06 3.14 2.93
CA ASN A 8 -1.25 2.95 2.23
C ASN A 8 -1.02 2.36 0.84
N ARG A 9 -0.06 2.90 0.15
CA ARG A 9 0.25 2.39 -1.23
C ARG A 9 0.86 0.99 -1.08
N ALA A 10 1.53 0.79 0.02
CA ALA A 10 2.18 -0.53 0.32
C ALA A 10 1.05 -1.52 0.69
N ARG A 11 -0.02 -0.97 1.17
CA ARG A 11 -1.21 -1.79 1.58
C ARG A 11 -1.90 -2.26 0.30
N ARG A 12 -1.85 -1.41 -0.70
CA ARG A 12 -2.48 -1.74 -2.03
C ARG A 12 -1.67 -2.91 -2.61
N TRP A 13 -0.37 -2.78 -2.49
CA TRP A 13 0.56 -3.83 -2.99
C TRP A 13 0.29 -5.12 -2.22
N ARG A 14 0.03 -4.95 -0.94
CA ARG A 14 -0.27 -6.11 -0.04
C ARG A 14 -1.57 -6.80 -0.48
N ALA A 15 -2.49 -5.99 -0.93
CA ALA A 15 -3.82 -6.49 -1.39
C ALA A 15 -3.67 -7.30 -2.70
N ARG A 16 -2.56 -7.10 -3.36
CA ARG A 16 -2.28 -7.81 -4.64
C ARG A 16 -1.59 -9.14 -4.31
N GLN A 17 -0.53 -9.03 -3.55
CA GLN A 17 0.28 -10.22 -3.12
C GLN A 17 -0.37 -10.98 -1.95
N ARG A 18 -1.59 -10.63 -1.63
CA ARG A 18 -2.32 -11.30 -0.50
C ARG A 18 -2.36 -12.84 -0.63
N THR A 2 -4.79 5.87 5.86
CA THR A 2 -4.38 4.45 5.55
C THR A 2 -4.94 3.94 4.22
N ARG A 3 -5.79 4.72 3.58
CA ARG A 3 -6.40 4.30 2.27
C ARG A 3 -5.73 4.97 1.06
N GLN A 4 -4.75 5.81 1.33
CA GLN A 4 -4.02 6.52 0.22
C GLN A 4 -2.60 6.94 0.66
N ALA A 5 -2.21 6.45 1.82
CA ALA A 5 -0.85 6.75 2.39
C ALA A 5 0.33 6.11 1.67
N ARG A 6 1.49 6.56 2.05
CA ARG A 6 2.77 6.03 1.46
C ARG A 6 2.79 4.58 1.98
N ARG A 7 2.23 4.46 3.17
CA ARG A 7 2.13 3.16 3.86
C ARG A 7 0.96 2.45 3.17
N ASN A 8 -0.05 3.20 2.77
CA ASN A 8 -1.21 2.55 2.09
C ASN A 8 -0.72 1.94 0.77
N ARG A 9 0.35 2.49 0.24
CA ARG A 9 0.93 1.99 -1.03
C ARG A 9 1.32 0.52 -0.82
N ALA A 10 1.99 0.29 0.28
CA ALA A 10 2.45 -1.08 0.64
C ALA A 10 1.22 -1.93 1.02
N ARG A 11 0.23 -1.26 1.57
CA ARG A 11 -1.03 -1.94 1.99
C ARG A 11 -1.76 -2.42 0.73
N ARG A 12 -1.57 -1.66 -0.33
CA ARG A 12 -2.19 -1.98 -1.64
C ARG A 12 -1.40 -3.13 -2.25
N TRP A 13 -0.10 -3.07 -2.09
CA TRP A 13 0.79 -4.14 -2.64
C TRP A 13 0.36 -5.49 -2.05
N ARG A 14 0.00 -5.45 -0.79
CA ARG A 14 -0.44 -6.69 -0.09
C ARG A 14 -1.82 -7.07 -0.65
N ALA A 15 -2.63 -6.06 -0.84
CA ALA A 15 -4.01 -6.27 -1.39
C ALA A 15 -3.95 -6.78 -2.83
N ARG A 16 -2.80 -6.59 -3.44
CA ARG A 16 -2.56 -7.02 -4.85
C ARG A 16 -1.87 -8.40 -4.82
N GLN A 17 -1.13 -8.62 -3.75
CA GLN A 17 -0.38 -9.90 -3.56
C GLN A 17 -1.38 -11.05 -3.40
N ARG A 18 -2.48 -10.73 -2.77
CA ARG A 18 -3.57 -11.73 -2.52
C ARG A 18 -4.91 -11.18 -3.04
N THR A 2 0.24 12.27 3.59
CA THR A 2 1.70 11.95 3.53
C THR A 2 2.17 11.03 4.67
N ARG A 3 1.62 11.25 5.84
CA ARG A 3 1.98 10.42 7.04
C ARG A 3 1.80 8.92 6.78
N GLN A 4 0.76 8.58 6.04
CA GLN A 4 0.48 7.15 5.71
C GLN A 4 0.40 6.94 4.19
N ALA A 5 1.14 7.74 3.46
CA ALA A 5 1.14 7.61 1.97
C ALA A 5 1.76 6.27 1.56
N ARG A 6 2.98 6.09 1.99
CA ARG A 6 3.73 4.82 1.68
C ARG A 6 3.08 3.62 2.41
N ARG A 7 2.25 3.94 3.36
CA ARG A 7 1.54 2.89 4.15
C ARG A 7 0.33 2.41 3.37
N ASN A 8 -0.34 3.33 2.72
CA ASN A 8 -1.54 2.92 1.93
C ASN A 8 -1.08 2.27 0.63
N ARG A 9 0.07 2.71 0.16
CA ARG A 9 0.65 2.17 -1.11
C ARG A 9 1.12 0.75 -0.84
N ALA A 10 1.85 0.59 0.24
CA ALA A 10 2.37 -0.76 0.63
C ALA A 10 1.20 -1.71 0.83
N ARG A 11 0.17 -1.20 1.46
CA ARG A 11 -1.05 -2.02 1.72
C ARG A 11 -1.73 -2.34 0.38
N ARG A 12 -1.54 -1.47 -0.58
CA ARG A 12 -2.15 -1.69 -1.93
C ARG A 12 -1.50 -2.86 -2.64
N TRP A 13 -0.19 -2.86 -2.68
CA TRP A 13 0.53 -3.97 -3.37
C TRP A 13 0.31 -5.26 -2.59
N ARG A 14 0.29 -5.12 -1.28
CA ARG A 14 0.08 -6.28 -0.37
C ARG A 14 -1.37 -6.80 -0.48
N ALA A 15 -2.27 -5.90 -0.78
CA ALA A 15 -3.72 -6.29 -0.91
C ALA A 15 -3.84 -7.12 -2.20
N ARG A 16 -2.99 -6.78 -3.14
CA ARG A 16 -2.94 -7.48 -4.46
C ARG A 16 -1.80 -8.51 -4.40
N GLN A 17 -1.17 -8.59 -3.25
CA GLN A 17 -0.03 -9.51 -2.96
C GLN A 17 1.03 -9.60 -4.08
N ARG A 18 1.09 -8.55 -4.86
CA ARG A 18 2.02 -8.40 -6.03
C ARG A 18 2.80 -9.66 -6.44
N THR A 2 2.77 12.44 1.70
CA THR A 2 3.04 11.18 0.93
C THR A 2 3.72 10.12 1.82
N ARG A 3 4.43 10.56 2.82
CA ARG A 3 5.14 9.61 3.73
C ARG A 3 4.14 8.70 4.44
N GLN A 4 3.04 9.29 4.87
CA GLN A 4 1.99 8.51 5.58
C GLN A 4 1.22 7.70 4.54
N ALA A 5 1.10 8.27 3.36
CA ALA A 5 0.38 7.61 2.23
C ALA A 5 1.23 6.46 1.66
N ARG A 6 2.49 6.45 2.02
CA ARG A 6 3.43 5.39 1.54
C ARG A 6 3.02 4.03 2.15
N ARG A 7 2.49 4.11 3.34
CA ARG A 7 2.05 2.88 4.07
C ARG A 7 0.79 2.37 3.37
N ASN A 8 0.02 3.32 2.87
CA ASN A 8 -1.23 2.96 2.15
C ASN A 8 -0.85 2.31 0.83
N ARG A 9 0.27 2.73 0.30
CA ARG A 9 0.77 2.17 -1.00
C ARG A 9 1.21 0.72 -0.75
N ALA A 10 1.66 0.48 0.45
CA ALA A 10 2.11 -0.90 0.82
C ALA A 10 0.88 -1.76 1.03
N ARG A 11 -0.15 -1.13 1.52
CA ARG A 11 -1.44 -1.84 1.78
C ARG A 11 -2.09 -2.17 0.42
N ARG A 12 -1.63 -1.49 -0.60
CA ARG A 12 -2.17 -1.73 -1.97
C ARG A 12 -1.43 -2.89 -2.62
N TRP A 13 -0.12 -2.90 -2.53
CA TRP A 13 0.62 -4.05 -3.15
C TRP A 13 0.47 -5.33 -2.34
N ARG A 14 0.18 -5.21 -1.06
CA ARG A 14 0.03 -6.46 -0.25
C ARG A 14 -1.38 -7.04 -0.51
N ALA A 15 -2.29 -6.15 -0.87
CA ALA A 15 -3.69 -6.57 -1.16
C ALA A 15 -3.70 -7.31 -2.50
N ARG A 16 -2.98 -6.73 -3.43
CA ARG A 16 -2.88 -7.33 -4.80
C ARG A 16 -2.07 -8.63 -4.74
N GLN A 17 -1.22 -8.72 -3.74
CA GLN A 17 -0.37 -9.93 -3.54
C GLN A 17 -1.23 -11.17 -3.29
N ARG A 18 -2.46 -10.93 -2.87
CA ARG A 18 -3.40 -12.05 -2.58
C ARG A 18 -3.76 -12.82 -3.86
N THR A 2 -0.34 12.70 2.97
CA THR A 2 0.53 12.38 1.79
C THR A 2 1.73 11.54 2.28
N ARG A 3 2.22 11.90 3.43
CA ARG A 3 3.39 11.17 4.02
C ARG A 3 2.97 9.74 4.37
N GLN A 4 1.87 9.63 5.08
CA GLN A 4 1.36 8.29 5.49
C GLN A 4 0.92 7.45 4.28
N ALA A 5 0.72 8.11 3.16
CA ALA A 5 0.29 7.40 1.92
C ALA A 5 1.27 6.28 1.53
N ARG A 6 2.47 6.37 2.05
CA ARG A 6 3.52 5.33 1.76
C ARG A 6 3.06 3.96 2.27
N ARG A 7 2.41 3.97 3.41
CA ARG A 7 1.91 2.71 4.03
C ARG A 7 0.66 2.26 3.26
N ASN A 8 -0.08 3.23 2.79
CA ASN A 8 -1.32 2.92 2.01
C ASN A 8 -0.94 2.26 0.68
N ARG A 9 0.20 2.70 0.18
CA ARG A 9 0.74 2.17 -1.10
C ARG A 9 1.21 0.75 -0.82
N ALA A 10 1.88 0.63 0.30
CA ALA A 10 2.42 -0.69 0.72
C ALA A 10 1.26 -1.65 1.02
N ARG A 11 0.17 -1.08 1.44
CA ARG A 11 -1.05 -1.87 1.77
C ARG A 11 -1.77 -2.23 0.46
N ARG A 12 -1.60 -1.38 -0.51
CA ARG A 12 -2.25 -1.60 -1.84
C ARG A 12 -1.58 -2.80 -2.52
N TRP A 13 -0.28 -2.87 -2.43
CA TRP A 13 0.44 -4.03 -3.07
C TRP A 13 0.08 -5.28 -2.27
N ARG A 14 0.08 -5.11 -0.97
CA ARG A 14 -0.24 -6.24 -0.04
C ARG A 14 -1.58 -6.88 -0.43
N ALA A 15 -2.49 -6.04 -0.89
CA ALA A 15 -3.84 -6.53 -1.31
C ALA A 15 -3.74 -7.41 -2.55
N ARG A 16 -3.10 -6.90 -3.57
CA ARG A 16 -2.94 -7.67 -4.84
C ARG A 16 -1.77 -8.67 -4.77
N GLN A 17 -1.11 -8.74 -3.64
CA GLN A 17 0.04 -9.68 -3.49
C GLN A 17 -0.45 -11.14 -3.49
N ARG A 18 -1.69 -11.30 -3.14
CA ARG A 18 -2.32 -12.66 -3.09
C ARG A 18 -3.84 -12.54 -3.34
N THR A 2 3.87 11.83 2.65
CA THR A 2 4.52 10.76 1.84
C THR A 2 4.45 9.44 2.62
N ARG A 3 4.76 9.52 3.88
CA ARG A 3 4.73 8.30 4.76
C ARG A 3 3.28 7.82 4.91
N GLN A 4 2.40 8.79 5.02
CA GLN A 4 0.94 8.50 5.18
C GLN A 4 0.41 7.81 3.90
N ALA A 5 1.11 8.06 2.83
CA ALA A 5 0.76 7.48 1.51
C ALA A 5 1.59 6.22 1.21
N ARG A 6 2.68 6.08 1.92
CA ARG A 6 3.60 4.90 1.74
C ARG A 6 2.98 3.65 2.37
N ARG A 7 2.31 3.86 3.48
CA ARG A 7 1.66 2.74 4.22
C ARG A 7 0.45 2.29 3.38
N ASN A 8 -0.14 3.26 2.73
CA ASN A 8 -1.32 3.00 1.87
C ASN A 8 -0.86 2.32 0.58
N ARG A 9 0.29 2.75 0.11
CA ARG A 9 0.89 2.19 -1.14
C ARG A 9 1.26 0.73 -0.91
N ALA A 10 1.78 0.50 0.27
CA ALA A 10 2.20 -0.88 0.65
C ALA A 10 0.98 -1.75 0.90
N ARG A 11 -0.04 -1.12 1.45
CA ARG A 11 -1.30 -1.86 1.74
C ARG A 11 -1.95 -2.25 0.40
N ARG A 12 -1.73 -1.42 -0.58
CA ARG A 12 -2.29 -1.69 -1.93
C ARG A 12 -1.56 -2.85 -2.62
N TRP A 13 -0.26 -2.78 -2.67
CA TRP A 13 0.47 -3.90 -3.33
C TRP A 13 0.43 -5.15 -2.46
N ARG A 14 0.19 -4.97 -1.17
CA ARG A 14 0.13 -6.15 -0.25
C ARG A 14 -1.21 -6.84 -0.51
N ALA A 15 -2.23 -6.02 -0.66
CA ALA A 15 -3.60 -6.54 -0.92
C ALA A 15 -3.63 -7.21 -2.30
N ARG A 16 -2.85 -6.65 -3.18
CA ARG A 16 -2.74 -7.18 -4.58
C ARG A 16 -2.03 -8.54 -4.51
N GLN A 17 -1.02 -8.58 -3.68
CA GLN A 17 -0.23 -9.83 -3.47
C GLN A 17 -0.94 -10.77 -2.47
N ARG A 18 -2.04 -10.30 -1.95
CA ARG A 18 -2.85 -11.10 -0.95
C ARG A 18 -2.04 -11.33 0.34
N THR A 2 -2.14 12.17 0.89
CA THR A 2 -1.65 11.37 -0.28
C THR A 2 -0.12 11.26 -0.29
N ARG A 3 0.52 12.31 0.17
CA ARG A 3 2.01 12.34 0.21
C ARG A 3 2.52 11.31 1.22
N GLN A 4 1.95 11.32 2.40
CA GLN A 4 2.36 10.36 3.48
C GLN A 4 1.61 9.02 3.35
N ALA A 5 0.89 8.86 2.25
CA ALA A 5 0.11 7.59 2.02
C ALA A 5 1.01 6.50 1.40
N ARG A 6 2.27 6.54 1.74
CA ARG A 6 3.25 5.54 1.21
C ARG A 6 2.95 4.18 1.85
N ARG A 7 2.58 4.21 3.10
CA ARG A 7 2.28 2.96 3.85
C ARG A 7 0.98 2.39 3.28
N ASN A 8 0.12 3.29 2.86
CA ASN A 8 -1.18 2.87 2.27
C ASN A 8 -0.86 2.12 0.97
N ARG A 9 0.18 2.60 0.31
CA ARG A 9 0.63 1.98 -0.97
C ARG A 9 1.17 0.57 -0.68
N ALA A 10 1.71 0.41 0.50
CA ALA A 10 2.26 -0.92 0.92
C ALA A 10 1.07 -1.87 1.09
N ARG A 11 0.02 -1.30 1.64
CA ARG A 11 -1.24 -2.06 1.89
C ARG A 11 -1.87 -2.43 0.54
N ARG A 12 -1.76 -1.51 -0.40
CA ARG A 12 -2.34 -1.73 -1.76
C ARG A 12 -1.57 -2.87 -2.43
N TRP A 13 -0.27 -2.85 -2.25
CA TRP A 13 0.60 -3.90 -2.85
C TRP A 13 0.29 -5.24 -2.15
N ARG A 14 -0.10 -5.15 -0.90
CA ARG A 14 -0.43 -6.38 -0.12
C ARG A 14 -1.80 -6.91 -0.58
N ALA A 15 -2.64 -6.00 -1.03
CA ALA A 15 -4.00 -6.40 -1.51
C ALA A 15 -3.80 -7.14 -2.84
N ARG A 16 -2.79 -6.68 -3.54
CA ARG A 16 -2.42 -7.26 -4.87
C ARG A 16 -1.54 -8.50 -4.63
N GLN A 17 -0.87 -8.50 -3.51
CA GLN A 17 0.03 -9.63 -3.10
C GLN A 17 -0.37 -10.04 -1.68
N ARG A 18 -1.42 -10.82 -1.61
CA ARG A 18 -1.93 -11.30 -0.29
C ARG A 18 -0.98 -12.38 0.26
N THR A 2 -0.50 11.77 -1.12
CA THR A 2 -0.42 10.46 -1.83
C THR A 2 1.03 10.07 -2.12
N ARG A 3 1.83 11.07 -2.38
CA ARG A 3 3.28 10.87 -2.67
C ARG A 3 3.98 10.29 -1.44
N GLN A 4 3.53 10.73 -0.29
CA GLN A 4 4.09 10.27 1.02
C GLN A 4 3.22 9.18 1.65
N ALA A 5 2.20 8.78 0.94
CA ALA A 5 1.25 7.72 1.43
C ALA A 5 1.82 6.33 1.03
N ARG A 6 3.03 6.10 1.46
CA ARG A 6 3.73 4.80 1.17
C ARG A 6 3.15 3.66 2.00
N ARG A 7 2.69 3.98 3.19
CA ARG A 7 2.11 2.94 4.11
C ARG A 7 0.80 2.49 3.47
N ASN A 8 0.13 3.48 2.92
CA ASN A 8 -1.18 3.24 2.25
C ASN A 8 -0.91 2.42 0.98
N ARG A 9 0.10 2.84 0.27
CA ARG A 9 0.51 2.16 -0.99
C ARG A 9 0.94 0.72 -0.70
N ALA A 10 1.43 0.51 0.49
CA ALA A 10 1.88 -0.85 0.88
C ALA A 10 0.67 -1.76 1.02
N ARG A 11 -0.39 -1.19 1.51
CA ARG A 11 -1.64 -1.98 1.70
C ARG A 11 -2.18 -2.36 0.31
N ARG A 12 -1.82 -1.56 -0.67
CA ARG A 12 -2.28 -1.82 -2.07
C ARG A 12 -1.48 -2.96 -2.69
N TRP A 13 -0.17 -2.88 -2.61
CA TRP A 13 0.64 -3.98 -3.21
C TRP A 13 0.53 -5.25 -2.36
N ARG A 14 0.12 -5.09 -1.13
CA ARG A 14 -0.02 -6.27 -0.21
C ARG A 14 -1.36 -6.94 -0.53
N ALA A 15 -2.38 -6.12 -0.66
CA ALA A 15 -3.74 -6.64 -0.99
C ALA A 15 -3.69 -7.31 -2.36
N ARG A 16 -2.94 -6.68 -3.22
CA ARG A 16 -2.75 -7.17 -4.62
C ARG A 16 -1.64 -8.24 -4.63
N GLN A 17 -0.93 -8.32 -3.53
CA GLN A 17 0.19 -9.29 -3.33
C GLN A 17 1.05 -9.48 -4.59
N ARG A 18 1.41 -8.35 -5.16
CA ARG A 18 2.24 -8.30 -6.40
C ARG A 18 1.55 -9.08 -7.55
N THR A 2 -1.36 12.44 1.21
CA THR A 2 -1.28 11.63 -0.04
C THR A 2 0.18 11.24 -0.33
N ARG A 3 1.08 12.18 -0.11
CA ARG A 3 2.53 11.92 -0.33
C ARG A 3 3.02 10.93 0.74
N GLN A 4 2.42 11.04 1.89
CA GLN A 4 2.78 10.14 3.04
C GLN A 4 1.94 8.85 3.00
N ALA A 5 1.18 8.68 1.95
CA ALA A 5 0.33 7.46 1.80
C ALA A 5 1.16 6.23 1.39
N ARG A 6 2.45 6.31 1.55
CA ARG A 6 3.37 5.18 1.18
C ARG A 6 2.96 3.89 1.92
N ARG A 7 2.41 4.07 3.09
CA ARG A 7 1.96 2.92 3.92
C ARG A 7 0.68 2.34 3.30
N ASN A 8 -0.11 3.23 2.77
CA ASN A 8 -1.38 2.82 2.11
C ASN A 8 -1.07 2.12 0.80
N ARG A 9 0.03 2.52 0.19
CA ARG A 9 0.48 1.92 -1.10
C ARG A 9 1.13 0.57 -0.80
N ALA A 10 1.70 0.46 0.37
CA ALA A 10 2.37 -0.81 0.78
C ALA A 10 1.23 -1.80 1.07
N ARG A 11 0.17 -1.24 1.59
CA ARG A 11 -1.05 -2.01 1.96
C ARG A 11 -1.75 -2.37 0.62
N ARG A 12 -1.63 -1.47 -0.32
CA ARG A 12 -2.25 -1.69 -1.67
C ARG A 12 -1.51 -2.84 -2.36
N TRP A 13 -0.21 -2.84 -2.16
CA TRP A 13 0.65 -3.91 -2.76
C TRP A 13 0.31 -5.24 -2.09
N ARG A 14 0.08 -5.17 -0.80
CA ARG A 14 -0.26 -6.39 -0.02
C ARG A 14 -1.64 -6.90 -0.48
N ALA A 15 -2.45 -5.97 -0.93
CA ALA A 15 -3.83 -6.32 -1.42
C ALA A 15 -3.67 -7.01 -2.78
N ARG A 16 -2.75 -6.48 -3.55
CA ARG A 16 -2.46 -7.03 -4.91
C ARG A 16 -1.82 -8.41 -4.76
N GLN A 17 -1.08 -8.56 -3.70
CA GLN A 17 -0.38 -9.84 -3.39
C GLN A 17 -1.42 -10.86 -2.90
N ARG A 18 -2.37 -10.36 -2.15
CA ARG A 18 -3.47 -11.20 -1.60
C ARG A 18 -4.58 -10.29 -1.06
N THR A 2 -1.18 11.38 3.36
CA THR A 2 -0.16 11.76 2.33
C THR A 2 1.25 11.56 2.87
N ARG A 3 1.44 11.90 4.12
CA ARG A 3 2.78 11.76 4.77
C ARG A 3 3.11 10.27 4.87
N GLN A 4 2.07 9.49 5.02
CA GLN A 4 2.18 8.00 5.14
C GLN A 4 1.70 7.35 3.82
N ALA A 5 1.81 8.10 2.75
CA ALA A 5 1.38 7.60 1.40
C ALA A 5 2.07 6.27 1.04
N ARG A 6 3.29 6.11 1.51
CA ARG A 6 4.04 4.86 1.22
C ARG A 6 3.44 3.67 2.00
N ARG A 7 2.81 4.01 3.10
CA ARG A 7 2.16 2.98 3.96
C ARG A 7 0.84 2.60 3.27
N ASN A 8 0.20 3.62 2.74
CA ASN A 8 -1.09 3.44 2.03
C ASN A 8 -0.94 2.55 0.81
N ARG A 9 -0.02 2.92 -0.06
CA ARG A 9 0.21 2.11 -1.31
C ARG A 9 0.69 0.70 -0.97
N ALA A 10 1.37 0.59 0.15
CA ALA A 10 1.91 -0.73 0.60
C ALA A 10 0.74 -1.63 1.03
N ARG A 11 -0.28 -1.00 1.57
CA ARG A 11 -1.49 -1.77 2.03
C ARG A 11 -2.27 -2.30 0.81
N ARG A 12 -2.05 -1.68 -0.32
CA ARG A 12 -2.75 -2.13 -1.56
C ARG A 12 -1.85 -3.17 -2.21
N TRP A 13 -0.57 -2.99 -2.00
CA TRP A 13 0.45 -3.92 -2.57
C TRP A 13 0.33 -5.32 -1.94
N ARG A 14 0.11 -5.34 -0.65
CA ARG A 14 -0.03 -6.66 0.06
C ARG A 14 -1.37 -7.31 -0.29
N ALA A 15 -2.22 -6.55 -0.93
CA ALA A 15 -3.56 -7.03 -1.37
C ALA A 15 -3.51 -7.28 -2.88
N ARG A 16 -2.48 -6.76 -3.51
CA ARG A 16 -2.28 -6.90 -4.98
C ARG A 16 -1.25 -8.00 -5.34
N GLN A 17 -0.44 -8.39 -4.38
CA GLN A 17 0.59 -9.45 -4.63
C GLN A 17 0.01 -10.72 -5.27
N ARG A 18 -1.26 -10.93 -5.04
CA ARG A 18 -1.98 -12.13 -5.59
C ARG A 18 -3.40 -11.69 -5.99
N THR A 2 3.82 11.22 0.85
CA THR A 2 4.52 9.92 1.14
C THR A 2 4.47 9.53 2.63
N ARG A 3 4.59 10.54 3.46
CA ARG A 3 4.55 10.37 4.95
C ARG A 3 3.52 9.32 5.43
N GLN A 4 2.43 9.26 4.72
CA GLN A 4 1.32 8.30 5.03
C GLN A 4 0.92 7.50 3.77
N ALA A 5 1.09 8.13 2.64
CA ALA A 5 0.75 7.49 1.32
C ALA A 5 1.60 6.25 1.04
N ARG A 6 2.74 6.16 1.70
CA ARG A 6 3.66 5.01 1.50
C ARG A 6 3.06 3.75 2.16
N ARG A 7 2.44 3.97 3.29
CA ARG A 7 1.80 2.85 4.04
C ARG A 7 0.56 2.40 3.28
N ASN A 8 -0.07 3.37 2.66
CA ASN A 8 -1.30 3.08 1.87
C ASN A 8 -0.90 2.25 0.65
N ARG A 9 0.12 2.71 -0.02
CA ARG A 9 0.65 2.02 -1.23
C ARG A 9 1.18 0.62 -0.87
N ALA A 10 1.61 0.47 0.36
CA ALA A 10 2.15 -0.84 0.80
C ALA A 10 0.99 -1.79 1.03
N ARG A 11 -0.04 -1.27 1.66
CA ARG A 11 -1.25 -2.08 1.95
C ARG A 11 -1.94 -2.38 0.61
N ARG A 12 -1.69 -1.53 -0.35
CA ARG A 12 -2.29 -1.69 -1.71
C ARG A 12 -1.59 -2.84 -2.42
N TRP A 13 -0.28 -2.80 -2.48
CA TRP A 13 0.45 -3.91 -3.16
C TRP A 13 0.33 -5.19 -2.35
N ARG A 14 0.09 -5.05 -1.07
CA ARG A 14 -0.05 -6.23 -0.17
C ARG A 14 -1.41 -6.88 -0.49
N ALA A 15 -2.37 -6.04 -0.75
CA ALA A 15 -3.75 -6.53 -1.07
C ALA A 15 -3.71 -7.18 -2.46
N ARG A 16 -2.84 -6.63 -3.30
CA ARG A 16 -2.67 -7.14 -4.69
C ARG A 16 -1.71 -8.34 -4.72
N GLN A 17 -0.97 -8.52 -3.65
CA GLN A 17 0.00 -9.64 -3.57
C GLN A 17 -0.74 -10.99 -3.67
N ARG A 18 -1.68 -11.18 -2.78
CA ARG A 18 -2.50 -12.42 -2.73
C ARG A 18 -1.61 -13.67 -2.62
N THR A 2 -3.11 8.13 -4.02
CA THR A 2 -2.32 6.91 -3.65
C THR A 2 -0.80 7.18 -3.64
N ARG A 3 -0.38 8.07 -4.49
CA ARG A 3 1.08 8.42 -4.58
C ARG A 3 1.57 8.92 -3.22
N GLN A 4 0.89 9.92 -2.69
CA GLN A 4 1.28 10.49 -1.37
C GLN A 4 1.04 9.43 -0.28
N ALA A 5 0.14 8.53 -0.57
CA ALA A 5 -0.21 7.43 0.37
C ALA A 5 0.75 6.24 0.16
N ARG A 6 2.02 6.51 0.40
CA ARG A 6 3.07 5.44 0.24
C ARG A 6 2.91 4.37 1.32
N ARG A 7 2.38 4.77 2.45
CA ARG A 7 2.17 3.82 3.58
C ARG A 7 0.95 2.97 3.21
N ASN A 8 0.01 3.64 2.57
CA ASN A 8 -1.25 2.97 2.13
C ASN A 8 -0.91 1.99 1.00
N ARG A 9 0.11 2.34 0.25
CA ARG A 9 0.58 1.51 -0.89
C ARG A 9 1.14 0.18 -0.40
N ALA A 10 1.61 0.16 0.83
CA ALA A 10 2.18 -1.09 1.42
C ALA A 10 1.05 -2.10 1.64
N ARG A 11 -0.08 -1.58 2.08
CA ARG A 11 -1.27 -2.43 2.34
C ARG A 11 -1.83 -2.82 0.96
N ARG A 12 -1.75 -1.86 0.08
CA ARG A 12 -2.24 -2.03 -1.32
C ARG A 12 -1.33 -2.99 -2.08
N TRP A 13 -0.11 -3.11 -1.60
CA TRP A 13 0.88 -4.02 -2.23
C TRP A 13 0.53 -5.47 -1.93
N ARG A 14 -0.04 -5.70 -0.77
CA ARG A 14 -0.41 -7.09 -0.37
C ARG A 14 -1.83 -7.34 -0.91
N ALA A 15 -2.59 -6.28 -0.98
CA ALA A 15 -4.00 -6.38 -1.48
C ALA A 15 -3.94 -6.73 -2.97
N ARG A 16 -2.94 -6.19 -3.63
CA ARG A 16 -2.74 -6.43 -5.09
C ARG A 16 -1.60 -7.48 -5.26
N GLN A 17 -0.91 -7.74 -4.18
CA GLN A 17 0.22 -8.72 -4.15
C GLN A 17 1.16 -8.50 -5.36
N ARG A 18 1.65 -7.29 -5.44
CA ARG A 18 2.58 -6.89 -6.53
C ARG A 18 4.00 -7.35 -6.21
N THR A 2 -3.55 10.61 -0.88
CA THR A 2 -3.12 9.48 -1.77
C THR A 2 -1.69 9.65 -2.27
N ARG A 3 -1.33 10.87 -2.60
CA ARG A 3 0.05 11.19 -3.11
C ARG A 3 1.11 11.00 -2.01
N GLN A 4 0.64 10.85 -0.80
CA GLN A 4 1.54 10.67 0.38
C GLN A 4 1.09 9.43 1.19
N ALA A 5 0.31 8.60 0.54
CA ALA A 5 -0.21 7.36 1.20
C ALA A 5 0.82 6.22 1.04
N ARG A 6 2.07 6.57 1.18
CA ARG A 6 3.21 5.62 1.06
C ARG A 6 3.03 4.36 1.94
N ARG A 7 2.36 4.53 3.04
CA ARG A 7 2.11 3.39 3.99
C ARG A 7 0.95 2.56 3.44
N ASN A 8 -0.04 3.28 2.97
CA ASN A 8 -1.25 2.62 2.39
C ASN A 8 -0.93 2.01 1.01
N ARG A 9 0.18 2.43 0.46
CA ARG A 9 0.63 1.93 -0.86
C ARG A 9 1.23 0.53 -0.63
N ALA A 10 1.79 0.36 0.54
CA ALA A 10 2.40 -0.95 0.91
C ALA A 10 1.23 -1.93 1.12
N ARG A 11 0.17 -1.37 1.64
CA ARG A 11 -1.08 -2.16 1.91
C ARG A 11 -1.78 -2.43 0.57
N ARG A 12 -1.62 -1.50 -0.34
CA ARG A 12 -2.25 -1.64 -1.71
C ARG A 12 -1.56 -2.82 -2.38
N TRP A 13 -0.25 -2.85 -2.22
CA TRP A 13 0.56 -3.94 -2.81
C TRP A 13 0.18 -5.26 -2.14
N ARG A 14 -0.11 -5.17 -0.85
CA ARG A 14 -0.51 -6.38 -0.08
C ARG A 14 -1.83 -6.93 -0.67
N ALA A 15 -2.65 -6.00 -1.10
CA ALA A 15 -3.98 -6.36 -1.70
C ALA A 15 -3.72 -7.11 -3.01
N ARG A 16 -2.64 -6.74 -3.67
CA ARG A 16 -2.26 -7.39 -4.96
C ARG A 16 -1.84 -8.84 -4.69
N GLN A 17 -1.23 -9.05 -3.54
CA GLN A 17 -0.78 -10.44 -3.17
C GLN A 17 -2.00 -11.30 -2.82
N ARG A 18 -2.96 -10.67 -2.21
CA ARG A 18 -4.21 -11.39 -1.81
C ARG A 18 -5.36 -10.38 -1.64
N THR A 2 -3.16 11.25 -0.57
CA THR A 2 -3.14 10.09 -1.52
C THR A 2 -1.83 10.07 -2.31
N ARG A 3 -1.41 11.24 -2.71
CA ARG A 3 -0.14 11.38 -3.49
C ARG A 3 1.08 10.97 -2.64
N GLN A 4 0.90 10.99 -1.34
CA GLN A 4 1.99 10.61 -0.40
C GLN A 4 1.52 9.50 0.56
N ALA A 5 0.62 8.67 0.07
CA ALA A 5 0.08 7.54 0.90
C ALA A 5 1.01 6.32 0.73
N ARG A 6 2.28 6.57 0.95
CA ARG A 6 3.31 5.49 0.82
C ARG A 6 3.06 4.30 1.77
N ARG A 7 2.49 4.57 2.91
CA ARG A 7 2.20 3.49 3.90
C ARG A 7 1.02 2.72 3.34
N ASN A 8 0.06 3.48 2.87
CA ASN A 8 -1.18 2.87 2.28
C ASN A 8 -0.82 2.09 1.02
N ARG A 9 0.29 2.48 0.43
CA ARG A 9 0.77 1.81 -0.83
C ARG A 9 1.16 0.37 -0.48
N ALA A 10 1.61 0.18 0.74
CA ALA A 10 2.02 -1.18 1.19
C ALA A 10 0.76 -2.03 1.27
N ARG A 11 -0.25 -1.46 1.88
CA ARG A 11 -1.55 -2.18 2.02
C ARG A 11 -2.12 -2.44 0.62
N ARG A 12 -1.70 -1.61 -0.31
CA ARG A 12 -2.17 -1.73 -1.72
C ARG A 12 -1.45 -2.88 -2.42
N TRP A 13 -0.14 -2.94 -2.29
CA TRP A 13 0.59 -4.05 -2.97
C TRP A 13 0.39 -5.34 -2.18
N ARG A 14 -0.03 -5.21 -0.95
CA ARG A 14 -0.25 -6.41 -0.09
C ARG A 14 -1.55 -7.07 -0.60
N ALA A 15 -2.51 -6.23 -0.88
CA ALA A 15 -3.83 -6.72 -1.39
C ALA A 15 -3.65 -7.20 -2.84
N ARG A 16 -2.77 -6.50 -3.53
CA ARG A 16 -2.45 -6.81 -4.96
C ARG A 16 -1.81 -8.20 -5.04
N GLN A 17 -0.91 -8.43 -4.12
CA GLN A 17 -0.19 -9.74 -4.06
C GLN A 17 -0.98 -10.74 -3.19
N ARG A 18 -2.03 -10.24 -2.60
CA ARG A 18 -2.92 -11.07 -1.71
C ARG A 18 -2.12 -11.77 -0.60
#